data_1A6Y
#
_entry.id   1A6Y
#
_cell.length_a   38.670
_cell.length_b   45.690
_cell.length_c   47.950
_cell.angle_alpha   75.16
_cell.angle_beta   80.64
_cell.angle_gamma   85.58
#
_symmetry.space_group_name_H-M   'P 1'
#
loop_
_entity.id
_entity.type
_entity.pdbx_description
1 polymer "DNA (5'-D(*CP*AP*AP*CP*TP*AP*GP*GP*TP*CP*AP*CP*(5IT)P*AP*GP*GP*TP*CP*AP*G)-3')"
2 polymer "DNA (5'-D(*CP*TP*GP*AP*CP*CP*TP*AP*GP*TP*GP*AP*CP*CP*TP*AP*GP*TP*TP*G)-3')"
3 polymer 'ORPHAN NUCLEAR RECEPTOR NR1D1'
4 non-polymer 'ZINC ION'
5 water water
#
loop_
_entity_poly.entity_id
_entity_poly.type
_entity_poly.pdbx_seq_one_letter_code
_entity_poly.pdbx_strand_id
1 'polydeoxyribonucleotide'
;(DC)(DA)(DA)(DC)(DT)(DA)(DG)(DG)(DT)(DC)(DA)(DC)(5IU)(DA)(DG)(DG)(DT)(DC)(DA)
(DG)
;
C
2 'polydeoxyribonucleotide' (DC)(DT)(DG)(DA)(DC)(DC)(DT)(DA)(DG)(DT)(DG)(DA)(DC)(DC)(DT)(DA)(DG)(DT)(DT)(DG) D
3 'polypeptide(L)'
;TKLNGMVLLCKVCGDVASGFHYGVLACEGCKGFFRRSIQQNIQYKRCLKNENCSIVRINRNRCQQCRFKKCLSVGMSRDA
VRFGRIPKREKQRM
;
A,B
#
# COMPACT_ATOMS: atom_id res chain seq x y z
N LEU C 8 11.81 -9.18 -17.91
CA LEU C 8 10.53 -9.94 -17.76
C LEU C 8 9.61 -9.21 -16.78
N LEU C 9 8.33 -9.53 -16.82
CA LEU C 9 7.37 -8.87 -15.96
C LEU C 9 6.57 -9.83 -15.13
N CYS C 10 6.41 -9.53 -13.86
CA CYS C 10 5.66 -10.41 -13.01
C CYS C 10 4.40 -10.65 -13.81
N LYS C 11 4.13 -11.90 -14.14
CA LYS C 11 2.95 -12.22 -14.93
C LYS C 11 1.73 -12.09 -14.06
N VAL C 12 1.85 -11.35 -12.96
CA VAL C 12 0.72 -11.19 -12.05
C VAL C 12 0.37 -9.76 -11.64
N CYS C 13 1.35 -8.88 -11.60
CA CYS C 13 1.13 -7.51 -11.15
C CYS C 13 2.09 -6.63 -11.93
N GLY C 14 2.42 -7.04 -13.14
CA GLY C 14 3.32 -6.24 -13.96
C GLY C 14 4.54 -5.66 -13.31
N ASP C 15 4.78 -5.98 -12.04
CA ASP C 15 5.97 -5.48 -11.33
C ASP C 15 7.12 -6.28 -11.97
N VAL C 16 8.36 -5.77 -11.90
CA VAL C 16 9.49 -6.50 -12.48
C VAL C 16 9.63 -7.89 -11.89
N ALA C 17 9.92 -8.87 -12.73
CA ALA C 17 10.03 -10.26 -12.27
C ALA C 17 11.44 -10.62 -11.83
N SER C 18 11.54 -11.34 -10.71
CA SER C 18 12.83 -11.77 -10.17
C SER C 18 13.26 -13.10 -10.80
N GLY C 19 12.27 -13.90 -11.20
CA GLY C 19 12.56 -15.16 -11.84
C GLY C 19 11.32 -15.94 -12.23
N PHE C 20 11.50 -17.19 -12.66
CA PHE C 20 10.39 -18.05 -13.06
C PHE C 20 9.97 -18.69 -11.76
N HIS C 21 8.74 -18.44 -11.33
CA HIS C 21 8.25 -18.95 -10.04
C HIS C 21 6.92 -19.68 -10.11
N TYR C 22 6.86 -20.83 -9.45
CA TYR C 22 5.65 -21.65 -9.42
C TYR C 22 4.94 -21.79 -10.75
N GLY C 23 5.70 -21.69 -11.82
CA GLY C 23 5.15 -21.86 -13.16
C GLY C 23 4.78 -20.56 -13.86
N VAL C 24 5.48 -19.52 -13.52
CA VAL C 24 5.21 -18.21 -14.08
C VAL C 24 6.34 -17.26 -13.73
N LEU C 25 6.58 -16.32 -14.61
CA LEU C 25 7.55 -15.28 -14.32
C LEU C 25 6.88 -14.43 -13.25
N ALA C 26 7.62 -14.06 -12.21
CA ALA C 26 6.98 -13.30 -11.14
C ALA C 26 7.92 -12.49 -10.31
N CYS C 27 7.38 -11.54 -9.55
CA CYS C 27 8.22 -10.68 -8.72
C CYS C 27 8.31 -11.26 -7.29
N GLU C 28 9.31 -10.84 -6.54
CA GLU C 28 9.44 -11.39 -5.18
C GLU C 28 8.14 -11.35 -4.39
N GLY C 29 7.38 -10.26 -4.54
CA GLY C 29 6.15 -10.15 -3.79
C GLY C 29 5.06 -11.13 -4.13
N CYS C 30 4.95 -11.49 -5.39
CA CYS C 30 3.88 -12.44 -5.69
C CYS C 30 4.39 -13.90 -5.44
N LYS C 31 5.70 -14.12 -5.54
CA LYS C 31 6.23 -15.48 -5.21
C LYS C 31 5.92 -15.72 -3.71
N GLY C 32 6.53 -14.89 -2.85
CA GLY C 32 6.32 -14.95 -1.41
C GLY C 32 4.84 -14.94 -1.08
N PHE C 33 4.09 -14.02 -1.68
CA PHE C 33 2.67 -13.99 -1.41
C PHE C 33 2.01 -15.30 -1.86
N PHE C 34 2.62 -16.01 -2.82
CA PHE C 34 1.98 -17.25 -3.24
C PHE C 34 2.27 -18.37 -2.25
N ARG C 35 3.55 -18.61 -1.96
CA ARG C 35 3.92 -19.69 -1.03
C ARG C 35 3.17 -19.52 0.28
N ARG C 36 3.04 -18.27 0.68
CA ARG C 36 2.36 -17.96 1.93
C ARG C 36 0.88 -18.38 1.85
N SER C 37 0.29 -18.29 0.67
CA SER C 37 -1.13 -18.59 0.52
C SER C 37 -1.46 -20.06 0.47
N ILE C 38 -0.55 -20.87 -0.08
CA ILE C 38 -0.75 -22.32 -0.21
C ILE C 38 -0.12 -23.05 0.97
N GLN C 39 0.95 -22.47 1.48
CA GLN C 39 1.73 -23.09 2.57
C GLN C 39 1.10 -22.85 3.95
N GLN C 40 -0.21 -22.82 3.94
CA GLN C 40 -1.02 -22.74 5.17
C GLN C 40 -2.51 -22.80 4.76
N ASN C 41 -3.36 -23.07 5.74
CA ASN C 41 -4.83 -23.16 5.51
C ASN C 41 -5.54 -21.80 5.94
N ILE C 42 -4.91 -20.63 5.60
CA ILE C 42 -5.48 -19.23 5.92
C ILE C 42 -6.78 -19.05 5.15
N GLN C 43 -7.64 -18.28 5.70
CA GLN C 43 -8.94 -18.02 5.09
C GLN C 43 -9.10 -16.57 4.64
N TYR C 44 -8.24 -16.11 3.73
CA TYR C 44 -8.35 -14.73 3.25
C TYR C 44 -9.80 -14.24 3.30
N LYS C 45 -10.04 -13.13 4.00
CA LYS C 45 -11.39 -12.56 4.13
C LYS C 45 -12.11 -12.41 2.77
N ARG C 46 -13.42 -12.65 2.75
CA ARG C 46 -14.19 -12.53 1.50
C ARG C 46 -13.78 -11.27 0.73
N CYS C 47 -14.19 -11.16 -0.52
CA CYS C 47 -13.84 -9.95 -1.27
C CYS C 47 -14.83 -8.83 -1.03
N LEU C 48 -14.33 -7.62 -1.08
CA LEU C 48 -15.19 -6.46 -0.87
C LEU C 48 -15.80 -6.07 -2.22
N LYS C 49 -14.96 -5.59 -3.14
CA LYS C 49 -15.41 -5.14 -4.44
C LYS C 49 -15.86 -6.20 -5.46
N ASN C 50 -16.87 -7.00 -5.11
CA ASN C 50 -17.38 -8.01 -6.02
C ASN C 50 -16.36 -8.91 -6.79
N GLU C 51 -15.41 -9.48 -6.05
CA GLU C 51 -14.40 -10.48 -6.54
C GLU C 51 -13.78 -10.23 -7.95
N ASN C 52 -13.83 -9.01 -8.48
CA ASN C 52 -13.23 -8.73 -9.81
C ASN C 52 -12.12 -7.72 -9.69
N CYS C 53 -11.27 -7.92 -8.69
CA CYS C 53 -10.19 -6.98 -8.44
C CYS C 53 -9.04 -7.01 -9.44
N SER C 54 -8.66 -5.82 -9.85
CA SER C 54 -7.54 -5.59 -10.73
C SER C 54 -6.36 -5.94 -9.83
N ILE C 55 -5.17 -6.13 -10.40
CA ILE C 55 -3.96 -6.45 -9.62
C ILE C 55 -2.76 -5.90 -10.36
N VAL C 56 -2.14 -4.86 -9.82
CA VAL C 56 -1.01 -4.25 -10.48
C VAL C 56 0.00 -3.84 -9.39
N ARG C 57 1.18 -3.41 -9.81
CA ARG C 57 2.22 -3.03 -8.85
C ARG C 57 1.83 -1.96 -7.84
N ILE C 58 0.84 -1.15 -8.17
CA ILE C 58 0.41 -0.07 -7.31
C ILE C 58 -0.69 -0.50 -6.32
N ASN C 59 -1.56 -1.42 -6.71
CA ASN C 59 -2.59 -1.85 -5.78
C ASN C 59 -2.61 -3.37 -5.53
N ARG C 60 -1.49 -4.06 -5.70
CA ARG C 60 -1.50 -5.53 -5.52
C ARG C 60 -1.89 -5.99 -4.11
N ASN C 61 -1.68 -5.16 -3.09
CA ASN C 61 -2.03 -5.59 -1.74
C ASN C 61 -3.41 -5.30 -1.18
N ARG C 62 -4.30 -4.71 -1.97
CA ARG C 62 -5.61 -4.34 -1.46
C ARG C 62 -6.56 -5.47 -1.27
N CYS C 63 -6.61 -6.41 -2.20
CA CYS C 63 -7.53 -7.54 -2.03
C CYS C 63 -6.66 -8.80 -2.02
N GLN C 64 -6.74 -9.60 -0.97
CA GLN C 64 -5.91 -10.80 -0.91
C GLN C 64 -6.54 -11.98 -1.62
N GLN C 65 -7.87 -12.03 -1.65
CA GLN C 65 -8.54 -13.12 -2.31
C GLN C 65 -8.30 -12.96 -3.81
N CYS C 66 -8.36 -11.72 -4.29
CA CYS C 66 -8.14 -11.48 -5.71
C CYS C 66 -6.66 -11.57 -6.15
N ARG C 67 -5.72 -11.25 -5.28
CA ARG C 67 -4.33 -11.37 -5.71
C ARG C 67 -3.98 -12.86 -5.82
N PHE C 68 -4.58 -13.67 -4.96
CA PHE C 68 -4.34 -15.10 -4.95
C PHE C 68 -5.05 -15.75 -6.12
N LYS C 69 -6.34 -15.46 -6.27
CA LYS C 69 -7.17 -16.00 -7.36
C LYS C 69 -6.47 -15.69 -8.68
N LYS C 70 -5.90 -14.51 -8.75
CA LYS C 70 -5.18 -14.13 -9.95
C LYS C 70 -3.97 -15.04 -10.10
N CYS C 71 -3.22 -15.23 -9.00
CA CYS C 71 -2.06 -16.11 -9.03
C CYS C 71 -2.51 -17.45 -9.61
N LEU C 72 -3.63 -17.97 -9.11
CA LEU C 72 -4.18 -19.22 -9.60
C LEU C 72 -4.87 -19.07 -10.94
N SER C 73 -4.35 -18.26 -11.85
CA SER C 73 -5.02 -18.13 -13.13
C SER C 73 -3.96 -17.93 -14.18
N VAL C 74 -2.83 -17.40 -13.74
CA VAL C 74 -1.77 -17.21 -14.69
C VAL C 74 -1.00 -18.53 -14.64
N GLY C 75 -1.59 -19.51 -13.97
CA GLY C 75 -1.00 -20.82 -13.86
C GLY C 75 0.06 -21.04 -12.80
N MET C 76 0.09 -20.22 -11.74
CA MET C 76 1.08 -20.43 -10.70
C MET C 76 0.70 -21.70 -9.97
N SER C 77 1.72 -22.48 -9.61
CA SER C 77 1.55 -23.76 -8.88
C SER C 77 2.88 -24.40 -8.53
N ARG C 78 2.90 -25.30 -7.55
CA ARG C 78 4.15 -25.95 -7.22
C ARG C 78 4.36 -27.09 -8.18
N ASP C 79 3.27 -27.69 -8.68
CA ASP C 79 3.45 -28.78 -9.63
C ASP C 79 3.87 -28.21 -10.98
N ALA C 80 4.10 -26.90 -11.02
CA ALA C 80 4.55 -26.24 -12.23
C ALA C 80 5.91 -25.66 -11.98
N VAL C 81 6.46 -25.88 -10.79
CA VAL C 81 7.79 -25.35 -10.43
C VAL C 81 8.83 -25.88 -11.40
N ARG C 82 9.90 -25.12 -11.58
CA ARG C 82 10.93 -25.51 -12.49
C ARG C 82 12.31 -25.05 -12.05
N PHE C 83 13.10 -25.96 -11.46
CA PHE C 83 14.47 -25.62 -11.06
C PHE C 83 15.41 -25.76 -12.25
N GLY C 84 16.57 -25.12 -12.16
CA GLY C 84 17.57 -25.18 -13.23
C GLY C 84 17.35 -24.35 -14.49
N ARG C 85 18.44 -24.04 -15.19
CA ARG C 85 18.40 -23.24 -16.41
C ARG C 85 17.73 -23.93 -17.60
N GLY D 5 16.94 7.32 7.86
CA GLY D 5 17.73 8.11 8.82
C GLY D 5 17.36 7.86 10.28
N MET D 6 18.31 8.10 11.18
CA MET D 6 18.07 7.89 12.60
C MET D 6 16.72 8.51 13.00
N VAL D 7 16.53 9.80 12.71
CA VAL D 7 15.24 10.44 13.03
C VAL D 7 14.76 11.30 11.86
N LEU D 8 13.68 10.86 11.22
CA LEU D 8 13.09 11.59 10.11
C LEU D 8 11.77 12.18 10.63
N LEU D 9 11.48 13.43 10.29
CA LEU D 9 10.24 14.05 10.78
C LEU D 9 9.06 13.99 9.77
N CYS D 10 7.85 13.85 10.30
CA CYS D 10 6.62 13.80 9.52
C CYS D 10 6.53 14.95 8.54
N LYS D 11 6.42 14.63 7.25
CA LYS D 11 6.40 15.68 6.23
C LYS D 11 5.09 16.51 6.26
N VAL D 12 4.10 16.01 6.99
CA VAL D 12 2.82 16.71 7.09
C VAL D 12 2.75 17.71 8.25
N CYS D 13 3.33 17.37 9.40
CA CYS D 13 3.29 18.21 10.58
C CYS D 13 4.61 18.35 11.37
N GLY D 14 5.74 17.88 10.85
CA GLY D 14 6.97 18.04 11.60
C GLY D 14 7.13 17.19 12.87
N ASP D 15 6.17 16.34 13.19
CA ASP D 15 6.31 15.47 14.37
C ASP D 15 7.36 14.42 14.01
N VAL D 16 7.76 13.54 14.93
CA VAL D 16 8.75 12.54 14.56
C VAL D 16 8.00 11.52 13.71
N ALA D 17 8.63 11.02 12.66
CA ALA D 17 7.98 10.04 11.80
C ALA D 17 8.17 8.63 12.34
N SER D 18 7.10 7.81 12.31
CA SER D 18 7.21 6.43 12.75
C SER D 18 7.47 5.53 11.54
N GLY D 19 7.73 6.13 10.38
CA GLY D 19 7.97 5.35 9.19
C GLY D 19 7.80 6.08 7.85
N PHE D 20 7.43 5.31 6.84
CA PHE D 20 7.24 5.77 5.48
C PHE D 20 5.84 5.28 5.18
N HIS D 21 4.83 6.11 5.43
CA HIS D 21 3.45 5.69 5.20
C HIS D 21 2.82 6.36 3.97
N TYR D 22 1.99 5.60 3.26
CA TYR D 22 1.30 6.09 2.08
C TYR D 22 2.21 6.80 1.10
N GLY D 23 3.50 6.57 1.20
CA GLY D 23 4.38 7.23 0.24
C GLY D 23 5.35 8.24 0.76
N VAL D 24 5.21 8.59 2.03
CA VAL D 24 6.07 9.59 2.61
C VAL D 24 6.25 9.41 4.12
N LEU D 25 7.34 9.98 4.61
CA LEU D 25 7.66 9.91 6.02
C LEU D 25 6.65 10.75 6.81
N ALA D 26 5.71 10.08 7.47
CA ALA D 26 4.67 10.73 8.28
C ALA D 26 4.67 10.27 9.74
N CYS D 27 4.22 11.12 10.66
CA CYS D 27 4.16 10.75 12.07
C CYS D 27 3.05 9.74 12.10
N GLU D 28 2.75 9.22 13.28
CA GLU D 28 1.72 8.21 13.41
C GLU D 28 0.29 8.78 13.47
N GLY D 29 0.17 10.09 13.67
CA GLY D 29 -1.15 10.69 13.73
C GLY D 29 -1.69 10.96 12.34
N CYS D 30 -0.87 11.58 11.48
CA CYS D 30 -1.28 11.86 10.13
C CYS D 30 -1.57 10.53 9.45
N LYS D 31 -0.71 9.54 9.69
CA LYS D 31 -0.89 8.23 9.13
C LYS D 31 -2.30 7.73 9.42
N GLY D 32 -2.67 7.72 10.68
CA GLY D 32 -4.01 7.26 11.02
C GLY D 32 -5.08 8.26 10.57
N PHE D 33 -4.67 9.52 10.41
CA PHE D 33 -5.59 10.54 9.96
C PHE D 33 -5.79 10.38 8.47
N PHE D 34 -4.72 10.35 7.69
CA PHE D 34 -4.88 10.14 6.26
C PHE D 34 -5.75 8.88 6.02
N ARG D 35 -5.34 7.74 6.55
CA ARG D 35 -6.12 6.53 6.34
C ARG D 35 -7.58 6.75 6.62
N ARG D 36 -7.88 7.34 7.76
CA ARG D 36 -9.27 7.52 8.16
C ARG D 36 -10.00 8.47 7.20
N SER D 37 -9.25 9.42 6.67
CA SER D 37 -9.77 10.42 5.76
C SER D 37 -10.17 9.86 4.41
N ILE D 38 -9.32 9.03 3.80
CA ILE D 38 -9.63 8.46 2.50
C ILE D 38 -10.51 7.22 2.60
N GLN D 39 -10.51 6.60 3.77
CA GLN D 39 -11.24 5.36 3.95
C GLN D 39 -12.71 5.48 4.23
N GLN D 40 -13.30 6.64 3.92
CA GLN D 40 -14.73 6.86 4.15
C GLN D 40 -15.29 8.02 3.36
N ASN D 41 -16.59 8.24 3.52
CA ASN D 41 -17.25 9.35 2.83
C ASN D 41 -16.99 10.59 3.69
N ILE D 42 -15.91 10.47 4.46
CA ILE D 42 -15.47 11.51 5.37
C ILE D 42 -15.12 12.84 4.70
N GLN D 43 -16.06 13.77 4.73
CA GLN D 43 -15.88 15.12 4.19
C GLN D 43 -15.95 16.10 5.36
N TYR D 44 -14.80 16.68 5.66
CA TYR D 44 -14.59 17.62 6.75
C TYR D 44 -15.20 18.98 6.49
N LYS D 45 -15.45 19.73 7.56
CA LYS D 45 -16.01 21.06 7.40
C LYS D 45 -15.02 21.84 6.55
N ARG D 46 -15.45 22.97 5.99
CA ARG D 46 -14.55 23.77 5.18
C ARG D 46 -13.52 24.36 6.12
N CYS D 47 -12.70 25.25 5.57
CA CYS D 47 -11.67 25.89 6.35
C CYS D 47 -11.90 27.41 6.44
N LEU D 48 -12.28 27.85 7.64
CA LEU D 48 -12.53 29.26 7.92
C LEU D 48 -11.47 30.21 7.36
N LYS D 49 -10.36 29.68 6.87
CA LYS D 49 -9.33 30.57 6.33
C LYS D 49 -9.04 30.32 4.85
N ASN D 50 -9.99 29.70 4.16
CA ASN D 50 -9.77 29.42 2.75
C ASN D 50 -8.48 28.56 2.60
N GLU D 51 -8.32 27.55 3.45
CA GLU D 51 -7.17 26.60 3.41
C GLU D 51 -5.76 27.16 3.26
N ASN D 52 -5.33 27.98 4.22
CA ASN D 52 -3.98 28.56 4.20
C ASN D 52 -3.27 28.23 5.50
N CYS D 53 -3.95 27.48 6.35
CA CYS D 53 -3.35 27.10 7.62
C CYS D 53 -1.96 26.52 7.43
N SER D 54 -1.23 26.37 8.51
CA SER D 54 0.11 25.79 8.45
C SER D 54 -0.01 24.57 9.35
N ILE D 55 0.91 23.61 9.25
CA ILE D 55 0.83 22.42 10.10
C ILE D 55 2.12 22.18 10.87
N VAL D 56 1.89 21.97 12.13
CA VAL D 56 2.92 21.65 13.12
C VAL D 56 2.25 20.75 14.13
N ARG D 57 3.01 20.22 15.02
CA ARG D 57 2.46 19.24 15.97
C ARG D 57 1.30 19.76 16.81
N ILE D 58 1.43 20.98 17.33
CA ILE D 58 0.42 21.57 18.20
C ILE D 58 -0.92 21.96 17.58
N ASN D 59 -0.91 22.40 16.33
CA ASN D 59 -2.18 22.80 15.70
C ASN D 59 -2.67 21.85 14.61
N ARG D 60 -1.95 20.75 14.42
CA ARG D 60 -2.26 19.76 13.38
C ARG D 60 -3.67 19.19 13.45
N ASN D 61 -4.37 19.39 14.56
CA ASN D 61 -5.74 18.88 14.67
C ASN D 61 -6.74 20.06 14.64
N ARG D 62 -6.24 21.29 14.56
CA ARG D 62 -7.16 22.43 14.51
C ARG D 62 -7.97 22.40 13.22
N CYS D 63 -7.32 22.58 12.07
CA CYS D 63 -8.08 22.52 10.83
C CYS D 63 -7.83 21.19 10.11
N GLN D 64 -8.81 20.29 10.15
CA GLN D 64 -8.65 19.02 9.47
C GLN D 64 -8.40 19.29 7.99
N GLN D 65 -9.43 19.73 7.28
CA GLN D 65 -9.33 20.05 5.86
C GLN D 65 -7.93 20.40 5.41
N CYS D 66 -7.27 21.29 6.16
CA CYS D 66 -5.94 21.69 5.74
C CYS D 66 -4.87 20.63 5.96
N ARG D 67 -5.02 19.79 6.98
CA ARG D 67 -4.07 18.72 7.25
C ARG D 67 -4.19 17.75 6.06
N PHE D 68 -5.41 17.29 5.80
CA PHE D 68 -5.63 16.34 4.71
C PHE D 68 -5.07 16.90 3.42
N LYS D 69 -5.34 18.18 3.16
CA LYS D 69 -4.85 18.85 1.98
C LYS D 69 -3.34 18.88 2.02
N LYS D 70 -2.79 18.74 3.22
CA LYS D 70 -1.35 18.81 3.41
C LYS D 70 -0.84 17.39 3.09
N CYS D 71 -1.53 16.40 3.62
CA CYS D 71 -1.15 15.03 3.34
C CYS D 71 -1.08 14.84 1.83
N LEU D 72 -2.19 15.13 1.13
CA LEU D 72 -2.22 14.94 -0.32
C LEU D 72 -1.19 15.83 -0.96
N SER D 73 -0.97 16.99 -0.36
CA SER D 73 -0.02 17.96 -0.89
C SER D 73 1.39 17.41 -0.95
N VAL D 74 1.72 16.54 0.00
CA VAL D 74 3.06 15.98 0.06
C VAL D 74 3.26 14.65 -0.71
N GLY D 75 2.18 13.91 -0.97
CA GLY D 75 2.31 12.69 -1.73
C GLY D 75 1.52 11.50 -1.20
N MET D 76 1.01 11.62 0.01
CA MET D 76 0.31 10.49 0.55
C MET D 76 -0.77 9.91 -0.33
N SER D 77 -0.48 8.71 -0.85
CA SER D 77 -1.39 7.98 -1.72
C SER D 77 -1.40 6.51 -1.42
N ARG D 78 -2.55 5.87 -1.59
CA ARG D 78 -2.62 4.44 -1.40
C ARG D 78 -1.82 3.79 -2.51
N ASP D 79 -1.59 4.56 -3.57
CA ASP D 79 -0.85 4.10 -4.75
C ASP D 79 0.65 4.36 -4.60
N ALA D 80 1.08 4.78 -3.42
CA ALA D 80 2.52 5.10 -3.24
C ALA D 80 3.16 4.33 -2.09
N VAL D 81 2.38 3.46 -1.50
CA VAL D 81 2.77 2.58 -0.41
C VAL D 81 3.95 1.70 -0.78
N ARG D 82 4.91 1.59 0.12
CA ARG D 82 6.11 0.76 -0.08
C ARG D 82 6.14 -0.29 1.03
N PHE D 83 5.54 -1.45 0.78
CA PHE D 83 5.58 -2.48 1.80
C PHE D 83 6.97 -3.17 1.89
N GLY D 84 7.16 -3.93 2.95
CA GLY D 84 8.41 -4.65 3.14
C GLY D 84 9.72 -3.87 3.22
N ARG D 85 10.71 -4.48 3.87
CA ARG D 85 12.04 -3.92 4.05
C ARG D 85 12.43 -2.80 3.10
N ILE D 86 13.16 -1.80 3.59
CA ILE D 86 13.62 -0.72 2.72
C ILE D 86 14.70 -1.32 1.85
N PRO D 87 14.68 -1.04 0.56
CA PRO D 87 15.68 -1.57 -0.37
C PRO D 87 17.05 -0.94 -0.08
N LYS D 88 17.77 -0.55 -1.11
CA LYS D 88 19.08 0.10 -1.00
C LYS D 88 19.37 0.78 -2.33
#